data_5NMM
#
_entry.id   5NMM
#
_cell.length_a   33.360
_cell.length_b   93.040
_cell.length_c   35.910
_cell.angle_alpha   90.00
_cell.angle_beta   100.22
_cell.angle_gamma   90.00
#
_symmetry.space_group_name_H-M   'P 1 21 1'
#
loop_
_entity.id
_entity.type
_entity.pdbx_description
1 polymer 'Serine/threonine-protein kinase PLK1'
2 non-polymer Alpha-Bromo-3-Iodotoluene
3 water water
#
_entity_poly.entity_id   1
_entity_poly.type   'polypeptide(L)'
_entity_poly.pdbx_seq_one_letter_code
;GAHMDCHLSDMLQQLHSVNASKPSERGLVRQEEAEDPACIPIFWVSKWVDYSDKYGLGYQLCDNSVGVLFNDSTRLILYN
DGDSLQYIERDGTESYLTVSSHPNSLMKKITLLKYFRNYMSEHLLKAGANITPREGDELARLPYLRTWFRTRSAIILHLS
NGSVQINFFQDHTKLILCPLMAAVTYIDEKRDFRTYRLSLLEEYGCCKELASRLRYARTMVDKLLSSRSASNRLKAS
;
_entity_poly.pdbx_strand_id   A
#
loop_
_chem_comp.id
_chem_comp.type
_chem_comp.name
_chem_comp.formula
8Z5 non-polymer Alpha-Bromo-3-Iodotoluene 'C7 H6 Br I'
#
# COMPACT_ATOMS: atom_id res chain seq x y z
N ASP A 5 7.03 15.34 2.39
CA ASP A 5 7.55 13.97 2.42
C ASP A 5 6.43 12.93 2.40
N CYS A 6 5.19 13.38 2.19
CA CYS A 6 4.05 12.48 2.06
C CYS A 6 3.75 11.71 3.36
N HIS A 7 3.88 12.37 4.50
CA HIS A 7 3.44 11.84 5.79
C HIS A 7 4.32 10.73 6.36
N LEU A 8 5.49 10.53 5.77
CA LEU A 8 6.40 9.48 6.24
C LEU A 8 7.01 9.82 7.59
N SER A 9 7.36 11.08 7.81
CA SER A 9 7.98 11.49 9.06
C SER A 9 6.98 11.27 10.19
N ASP A 10 5.74 11.68 9.95
CA ASP A 10 4.66 11.44 10.90
C ASP A 10 4.44 9.95 11.16
N MET A 11 4.58 9.13 10.12
CA MET A 11 4.44 7.70 10.29
C MET A 11 5.59 7.16 11.16
N LEU A 12 6.80 7.66 10.93
CA LEU A 12 7.94 7.19 11.70
C LEU A 12 7.75 7.47 13.18
N GLN A 13 7.23 8.66 13.50
CA GLN A 13 7.07 9.04 14.90
C GLN A 13 6.02 8.15 15.56
N GLN A 14 4.94 7.88 14.84
CA GLN A 14 3.89 7.00 15.34
C GLN A 14 4.42 5.61 15.64
N LEU A 15 5.23 5.09 14.73
CA LEU A 15 5.75 3.72 14.84
C LEU A 15 6.76 3.61 15.96
N HIS A 16 7.62 4.62 16.10
CA HIS A 16 8.60 4.61 17.16
C HIS A 16 7.93 4.64 18.53
N SER A 17 6.86 5.44 18.65
CA SER A 17 6.16 5.59 19.91
C SER A 17 5.57 4.27 20.37
N VAL A 18 4.90 3.56 19.47
CA VAL A 18 4.28 2.27 19.80
C VAL A 18 5.35 1.19 20.05
N ASN A 19 6.42 1.22 19.27
CA ASN A 19 7.48 0.23 19.42
C ASN A 19 8.28 0.49 20.69
N ALA A 20 8.42 1.77 21.06
CA ALA A 20 9.10 2.16 22.30
C ALA A 20 8.33 1.68 23.52
N SER A 21 7.02 1.51 23.35
CA SER A 21 6.17 1.10 24.46
C SER A 21 6.29 -0.40 24.74
N LYS A 22 6.83 -1.16 23.78
CA LYS A 22 6.97 -2.61 23.93
C LYS A 22 5.63 -3.26 24.21
N PRO A 23 4.70 -3.13 23.27
CA PRO A 23 3.29 -3.52 23.39
C PRO A 23 3.09 -5.02 23.59
N SER A 24 4.12 -5.83 23.32
CA SER A 24 3.99 -7.28 23.45
C SER A 24 4.34 -7.77 24.85
N GLU A 25 4.75 -6.85 25.72
CA GLU A 25 5.19 -7.20 27.06
C GLU A 25 4.35 -6.54 28.16
N ARG A 26 3.07 -6.27 27.86
CA ARG A 26 2.18 -5.64 28.83
C ARG A 26 1.87 -6.56 30.01
N GLY A 27 1.76 -7.85 29.74
CA GLY A 27 1.29 -8.78 30.73
C GLY A 27 -0.20 -9.00 30.55
N LEU A 28 -0.98 -7.96 30.79
CA LEU A 28 -2.43 -8.02 30.57
C LEU A 28 -2.77 -7.44 29.21
N VAL A 29 -2.66 -8.28 28.19
CA VAL A 29 -2.84 -7.85 26.80
C VAL A 29 -4.28 -7.97 26.34
N ARG A 30 -4.77 -6.92 25.69
CA ARG A 30 -6.16 -6.85 25.23
C ARG A 30 -6.22 -6.13 23.89
N GLN A 31 -5.66 -6.79 22.88
CA GLN A 31 -5.58 -6.26 21.53
C GLN A 31 -6.91 -5.76 20.99
N GLU A 32 -7.98 -6.49 21.29
CA GLU A 32 -9.29 -6.19 20.70
C GLU A 32 -9.76 -4.79 21.10
N GLU A 33 -9.27 -4.29 22.22
CA GLU A 33 -9.70 -2.98 22.72
C GLU A 33 -9.03 -1.85 21.94
N ALA A 34 -8.02 -2.20 21.15
CA ALA A 34 -7.34 -1.23 20.32
C ALA A 34 -7.98 -1.13 18.92
N GLU A 35 -9.02 -1.92 18.68
CA GLU A 35 -9.68 -1.90 17.37
C GLU A 35 -10.52 -0.65 17.19
N ASP A 36 -10.65 -0.22 15.95
CA ASP A 36 -11.49 0.92 15.61
C ASP A 36 -11.88 0.82 14.14
N PRO A 37 -13.18 0.68 13.86
CA PRO A 37 -13.66 0.56 12.48
C PRO A 37 -13.83 1.91 11.78
N ALA A 38 -13.51 2.99 12.49
CA ALA A 38 -13.55 4.33 11.91
C ALA A 38 -12.27 4.61 11.14
N CYS A 39 -11.26 3.77 11.35
CA CYS A 39 -9.94 3.98 10.78
C CYS A 39 -9.71 3.06 9.59
N ILE A 40 -10.72 2.27 9.27
CA ILE A 40 -10.62 1.35 8.14
C ILE A 40 -10.26 2.14 6.88
N PRO A 41 -9.24 1.68 6.15
CA PRO A 41 -8.80 2.38 4.95
C PRO A 41 -9.78 2.23 3.79
N ILE A 42 -9.77 3.22 2.91
CA ILE A 42 -10.58 3.21 1.69
C ILE A 42 -9.79 2.51 0.59
N PHE A 43 -8.49 2.78 0.55
CA PHE A 43 -7.64 2.27 -0.52
C PHE A 43 -6.47 1.43 -0.03
N TRP A 44 -6.18 0.38 -0.78
CA TRP A 44 -4.97 -0.40 -0.59
C TRP A 44 -4.66 -1.12 -1.90
N VAL A 45 -3.45 -1.64 -2.00
CA VAL A 45 -3.04 -2.39 -3.18
C VAL A 45 -3.50 -3.84 -3.05
N SER A 46 -4.27 -4.29 -4.04
CA SER A 46 -4.90 -5.59 -3.97
C SER A 46 -4.14 -6.62 -4.78
N LYS A 47 -3.40 -6.16 -5.79
CA LYS A 47 -2.56 -7.01 -6.62
C LYS A 47 -1.37 -6.22 -7.12
N TRP A 48 -0.28 -6.90 -7.42
CA TRP A 48 0.87 -6.23 -8.00
C TRP A 48 1.70 -7.18 -8.86
N VAL A 49 2.42 -6.62 -9.82
CA VAL A 49 3.30 -7.38 -10.70
C VAL A 49 4.59 -6.61 -10.89
N ASP A 50 5.72 -7.24 -10.60
CA ASP A 50 7.02 -6.59 -10.72
C ASP A 50 7.69 -6.97 -12.04
N TYR A 51 7.81 -6.01 -12.94
CA TYR A 51 8.54 -6.22 -14.19
C TYR A 51 9.52 -5.08 -14.36
N SER A 52 10.19 -4.74 -13.26
CA SER A 52 11.06 -3.57 -13.21
C SER A 52 12.30 -3.70 -14.10
N ASP A 53 12.66 -4.93 -14.46
CA ASP A 53 13.79 -5.19 -15.34
C ASP A 53 13.58 -4.51 -16.70
N LYS A 54 12.33 -4.38 -17.11
CA LYS A 54 12.02 -3.90 -18.44
C LYS A 54 11.13 -2.67 -18.43
N TYR A 55 10.01 -2.75 -17.73
CA TYR A 55 8.93 -1.77 -17.91
C TYR A 55 8.62 -1.03 -16.64
N GLY A 56 8.27 -1.76 -15.59
CA GLY A 56 7.93 -1.12 -14.33
C GLY A 56 7.16 -2.03 -13.40
N LEU A 57 6.43 -1.39 -12.48
CA LEU A 57 5.67 -2.07 -11.46
C LEU A 57 4.18 -1.83 -11.73
N GLY A 58 3.43 -2.88 -12.03
CA GLY A 58 2.00 -2.77 -12.28
C GLY A 58 1.23 -3.17 -11.04
N TYR A 59 0.10 -2.51 -10.77
CA TYR A 59 -0.67 -2.81 -9.57
C TYR A 59 -2.16 -2.54 -9.76
N GLN A 60 -2.98 -3.15 -8.91
CA GLN A 60 -4.41 -2.90 -8.90
C GLN A 60 -4.78 -2.41 -7.51
N LEU A 61 -5.63 -1.39 -7.43
CA LEU A 61 -6.15 -0.95 -6.14
C LEU A 61 -7.46 -1.66 -5.81
N CYS A 62 -7.89 -1.59 -4.56
CA CYS A 62 -9.07 -2.33 -4.12
C CYS A 62 -10.36 -1.86 -4.82
N ASP A 63 -10.33 -0.68 -5.43
CA ASP A 63 -11.48 -0.18 -6.19
C ASP A 63 -11.45 -0.71 -7.62
N ASN A 64 -10.49 -1.59 -7.91
CA ASN A 64 -10.33 -2.20 -9.23
C ASN A 64 -9.69 -1.28 -10.25
N SER A 65 -9.23 -0.11 -9.81
CA SER A 65 -8.45 0.74 -10.68
C SER A 65 -7.10 0.06 -10.86
N VAL A 66 -6.43 0.33 -11.96
CA VAL A 66 -5.13 -0.25 -12.21
C VAL A 66 -4.13 0.86 -12.45
N GLY A 67 -2.86 0.61 -12.18
CA GLY A 67 -1.86 1.63 -12.39
C GLY A 67 -0.52 1.00 -12.72
N VAL A 68 0.37 1.82 -13.26
CA VAL A 68 1.74 1.38 -13.48
C VAL A 68 2.68 2.50 -13.11
N LEU A 69 3.70 2.16 -12.35
CA LEU A 69 4.81 3.06 -12.10
C LEU A 69 5.96 2.61 -13.00
N PHE A 70 6.19 3.35 -14.08
CA PHE A 70 7.25 2.99 -15.02
C PHE A 70 8.62 3.37 -14.47
N ASN A 71 9.67 2.78 -15.03
CA ASN A 71 11.03 3.03 -14.57
C ASN A 71 11.50 4.45 -14.86
N ASP A 72 10.83 5.13 -15.80
CA ASP A 72 11.15 6.53 -16.09
C ASP A 72 10.47 7.43 -15.05
N SER A 73 9.88 6.80 -14.04
CA SER A 73 9.29 7.49 -12.90
C SER A 73 7.96 8.17 -13.22
N THR A 74 7.42 7.92 -14.40
CA THR A 74 6.07 8.38 -14.72
C THR A 74 5.05 7.32 -14.32
N ARG A 75 3.79 7.72 -14.25
CA ARG A 75 2.75 6.83 -13.77
C ARG A 75 1.47 6.99 -14.56
N LEU A 76 0.88 5.85 -14.94
CA LEU A 76 -0.38 5.86 -15.67
C LEU A 76 -1.42 5.06 -14.91
N ILE A 77 -2.58 5.68 -14.71
CA ILE A 77 -3.67 5.09 -13.96
C ILE A 77 -4.90 4.91 -14.85
N LEU A 78 -5.45 3.70 -14.87
CA LEU A 78 -6.72 3.43 -15.53
C LEU A 78 -7.80 3.27 -14.48
N TYR A 79 -8.78 4.18 -14.48
CA TYR A 79 -9.88 4.11 -13.52
C TYR A 79 -10.73 2.86 -13.78
N ASN A 80 -11.61 2.54 -12.84
CA ASN A 80 -12.38 1.30 -12.92
C ASN A 80 -13.47 1.30 -14.00
N ASP A 81 -13.60 2.40 -14.74
CA ASP A 81 -14.54 2.46 -15.86
C ASP A 81 -13.91 1.85 -17.12
N GLY A 82 -12.62 1.61 -17.08
CA GLY A 82 -11.93 0.97 -18.19
C GLY A 82 -11.52 1.92 -19.30
N ASP A 83 -11.78 3.22 -19.13
CA ASP A 83 -11.48 4.19 -20.20
C ASP A 83 -10.73 5.44 -19.74
N SER A 84 -11.07 5.96 -18.55
CA SER A 84 -10.51 7.21 -18.06
C SER A 84 -9.09 7.01 -17.54
N LEU A 85 -8.17 7.84 -18.01
CA LEU A 85 -6.76 7.72 -17.66
C LEU A 85 -6.30 8.93 -16.89
N GLN A 86 -5.44 8.71 -15.91
CA GLN A 86 -4.74 9.81 -15.27
C GLN A 86 -3.27 9.54 -15.47
N TYR A 87 -2.56 10.54 -15.99
CA TYR A 87 -1.14 10.41 -16.28
C TYR A 87 -0.33 11.36 -15.41
N ILE A 88 0.60 10.81 -14.64
CA ILE A 88 1.42 11.59 -13.72
C ILE A 88 2.83 11.70 -14.26
N GLU A 89 3.18 12.92 -14.66
CA GLU A 89 4.49 13.22 -15.23
C GLU A 89 5.59 13.20 -14.17
N ARG A 90 6.83 13.13 -14.64
CA ARG A 90 7.99 13.04 -13.76
C ARG A 90 7.94 14.16 -12.73
N ASP A 91 7.55 15.35 -13.20
CA ASP A 91 7.57 16.55 -12.37
C ASP A 91 6.36 16.67 -11.45
N GLY A 92 5.60 15.58 -11.29
CA GLY A 92 4.46 15.58 -10.37
C GLY A 92 3.18 16.06 -11.01
N THR A 93 3.30 16.73 -12.15
CA THR A 93 2.16 17.31 -12.87
C THR A 93 1.22 16.21 -13.40
N GLU A 94 -0.08 16.45 -13.35
CA GLU A 94 -1.06 15.43 -13.69
C GLU A 94 -1.99 15.88 -14.81
N SER A 95 -2.29 14.95 -15.71
CA SER A 95 -3.25 15.20 -16.79
C SER A 95 -4.21 14.03 -16.93
N TYR A 96 -5.36 14.31 -17.53
CA TYR A 96 -6.42 13.33 -17.67
C TYR A 96 -6.78 13.17 -19.15
N LEU A 97 -7.08 11.93 -19.49
CA LEU A 97 -7.25 11.50 -20.87
C LEU A 97 -8.08 10.22 -20.92
N THR A 98 -8.39 9.79 -22.13
CA THR A 98 -9.14 8.55 -22.34
C THR A 98 -8.42 7.61 -23.29
N VAL A 99 -8.66 6.32 -23.09
CA VAL A 99 -8.13 5.31 -23.97
C VAL A 99 -8.79 5.43 -25.34
N SER A 100 -10.09 5.72 -25.32
CA SER A 100 -10.89 5.77 -26.54
C SER A 100 -10.46 6.88 -27.48
N SER A 101 -9.85 7.93 -26.95
CA SER A 101 -9.36 9.03 -27.78
C SER A 101 -8.07 8.63 -28.51
N HIS A 102 -7.61 7.41 -28.23
CA HIS A 102 -6.40 6.86 -28.86
C HIS A 102 -5.32 7.92 -29.09
N PRO A 103 -4.73 8.42 -27.99
CA PRO A 103 -3.67 9.41 -28.06
C PRO A 103 -2.34 8.79 -28.51
N ASN A 104 -1.73 9.39 -29.52
CA ASN A 104 -0.45 8.91 -30.03
C ASN A 104 0.59 8.92 -28.93
N SER A 105 0.55 9.95 -28.10
CA SER A 105 1.53 10.18 -27.06
C SER A 105 1.74 8.97 -26.14
N LEU A 106 0.65 8.39 -25.67
CA LEU A 106 0.73 7.40 -24.60
C LEU A 106 0.33 6.00 -25.07
N MET A 107 0.27 5.79 -26.37
CA MET A 107 -0.21 4.53 -26.91
C MET A 107 0.61 3.34 -26.39
N LYS A 108 1.92 3.52 -26.33
CA LYS A 108 2.77 2.42 -25.88
C LYS A 108 2.59 2.14 -24.39
N LYS A 109 2.44 3.19 -23.59
CA LYS A 109 2.28 3.02 -22.15
C LYS A 109 0.91 2.45 -21.81
N ILE A 110 -0.09 2.83 -22.58
CA ILE A 110 -1.43 2.29 -22.39
C ILE A 110 -1.43 0.81 -22.69
N THR A 111 -0.80 0.45 -23.81
CA THR A 111 -0.71 -0.93 -24.23
C THR A 111 -0.04 -1.77 -23.15
N LEU A 112 1.03 -1.22 -22.57
CA LEU A 112 1.75 -1.89 -21.49
C LEU A 112 0.85 -2.06 -20.27
N LEU A 113 0.08 -1.03 -19.96
CA LEU A 113 -0.82 -1.08 -18.82
C LEU A 113 -1.83 -2.21 -18.97
N LYS A 114 -2.40 -2.33 -20.16
CA LYS A 114 -3.37 -3.38 -20.42
C LYS A 114 -2.77 -4.78 -20.27
N TYR A 115 -1.51 -4.92 -20.66
CA TYR A 115 -0.79 -6.18 -20.45
C TYR A 115 -0.68 -6.49 -18.96
N PHE A 116 -0.35 -5.48 -18.15
CA PHE A 116 -0.32 -5.66 -16.71
C PHE A 116 -1.71 -6.04 -16.21
N ARG A 117 -2.70 -5.26 -16.63
CA ARG A 117 -4.08 -5.48 -16.24
C ARG A 117 -4.48 -6.93 -16.51
N ASN A 118 -4.31 -7.39 -17.75
CA ASN A 118 -4.70 -8.74 -18.13
C ASN A 118 -4.01 -9.81 -17.30
N TYR A 119 -2.74 -9.61 -16.97
CA TYR A 119 -2.01 -10.58 -16.18
C TYR A 119 -2.65 -10.71 -14.80
N MET A 120 -2.92 -9.58 -14.17
CA MET A 120 -3.45 -9.60 -12.81
C MET A 120 -4.83 -10.24 -12.77
N SER A 121 -5.64 -10.00 -13.79
CA SER A 121 -7.00 -10.53 -13.86
C SER A 121 -7.01 -12.05 -14.01
N GLU A 122 -6.06 -12.58 -14.76
CA GLU A 122 -6.02 -14.03 -15.02
C GLU A 122 -5.29 -14.83 -13.95
N HIS A 123 -4.25 -14.27 -13.36
CA HIS A 123 -3.31 -15.07 -12.58
C HIS A 123 -3.16 -14.67 -11.12
N LEU A 124 -3.81 -13.59 -10.72
CA LEU A 124 -3.64 -13.10 -9.36
C LEU A 124 -4.96 -12.99 -8.62
N LEU A 125 -4.90 -13.22 -7.32
CA LEU A 125 -6.05 -13.09 -6.46
C LEU A 125 -6.04 -11.73 -5.80
N LYS A 126 -7.22 -11.23 -5.51
CA LYS A 126 -7.37 -9.89 -5.00
C LYS A 126 -7.27 -9.90 -3.48
N ALA A 127 -6.30 -9.17 -2.95
CA ALA A 127 -6.10 -9.09 -1.50
C ALA A 127 -7.09 -8.13 -0.85
N GLY A 128 -7.57 -8.48 0.34
CA GLY A 128 -8.53 -7.65 1.06
C GLY A 128 -9.93 -7.80 0.47
N ALA A 129 -10.12 -8.84 -0.34
CA ALA A 129 -11.34 -9.01 -1.11
C ALA A 129 -12.56 -9.27 -0.24
N ASN A 130 -12.29 -9.70 0.99
CA ASN A 130 -13.34 -10.17 1.88
C ASN A 130 -13.95 -9.05 2.72
N ILE A 131 -13.84 -7.80 2.24
CA ILE A 131 -14.31 -6.66 3.03
C ILE A 131 -14.66 -5.45 2.18
N THR A 132 -15.33 -4.50 2.82
CA THR A 132 -15.70 -3.23 2.18
C THR A 132 -15.26 -2.06 3.05
N ARG A 141 -10.25 10.84 -3.29
CA ARG A 141 -9.11 11.09 -4.19
C ARG A 141 -8.34 9.80 -4.44
N LEU A 142 -8.32 9.35 -5.69
CA LEU A 142 -7.62 8.12 -6.06
C LEU A 142 -6.10 8.31 -5.98
N PRO A 143 -5.44 7.61 -5.06
CA PRO A 143 -3.99 7.78 -4.95
C PRO A 143 -3.25 7.00 -6.03
N TYR A 144 -1.95 7.25 -6.16
CA TYR A 144 -1.12 6.50 -7.08
C TYR A 144 0.09 6.02 -6.30
N LEU A 145 0.86 5.13 -6.89
CA LEU A 145 2.03 4.59 -6.22
C LEU A 145 3.18 5.58 -6.37
N ARG A 146 3.63 6.12 -5.25
CA ARG A 146 4.70 7.10 -5.24
C ARG A 146 6.04 6.39 -5.43
N THR A 147 6.28 5.38 -4.62
CA THR A 147 7.46 4.55 -4.78
C THR A 147 7.24 3.20 -4.12
N TRP A 148 8.17 2.28 -4.40
CA TRP A 148 8.10 0.95 -3.85
C TRP A 148 9.51 0.39 -3.85
N PHE A 149 9.73 -0.65 -3.06
CA PHE A 149 10.94 -1.45 -3.16
C PHE A 149 10.64 -2.78 -2.50
N ARG A 150 11.50 -3.77 -2.71
CA ARG A 150 11.27 -5.05 -2.08
C ARG A 150 12.50 -5.54 -1.37
N THR A 151 12.26 -6.29 -0.31
CA THR A 151 13.28 -6.97 0.45
C THR A 151 13.06 -8.46 0.20
N ARG A 152 13.89 -9.30 0.80
CA ARG A 152 13.74 -10.74 0.62
C ARG A 152 12.48 -11.24 1.32
N SER A 153 11.97 -10.42 2.25
CA SER A 153 10.87 -10.80 3.12
C SER A 153 9.53 -10.11 2.81
N ALA A 154 9.56 -9.09 1.96
CA ALA A 154 8.36 -8.28 1.76
C ALA A 154 8.50 -7.29 0.63
N ILE A 155 7.39 -6.71 0.21
CA ILE A 155 7.41 -5.59 -0.70
C ILE A 155 6.73 -4.41 -0.02
N ILE A 156 7.33 -3.24 -0.18
CA ILE A 156 6.87 -2.02 0.47
C ILE A 156 6.32 -1.07 -0.58
N LEU A 157 5.09 -0.64 -0.36
CA LEU A 157 4.37 0.18 -1.33
C LEU A 157 3.89 1.46 -0.65
N HIS A 158 4.33 2.59 -1.16
CA HIS A 158 4.01 3.87 -0.57
C HIS A 158 3.08 4.62 -1.50
N LEU A 159 1.84 4.82 -1.07
CA LEU A 159 0.84 5.52 -1.89
C LEU A 159 0.88 7.02 -1.67
N SER A 160 0.41 7.76 -2.67
CA SER A 160 0.43 9.21 -2.68
C SER A 160 -0.46 9.83 -1.61
N ASN A 161 -1.32 9.04 -0.99
CA ASN A 161 -2.16 9.56 0.09
C ASN A 161 -1.48 9.44 1.45
N GLY A 162 -0.24 8.94 1.47
CA GLY A 162 0.52 8.81 2.69
C GLY A 162 0.54 7.39 3.22
N SER A 163 -0.37 6.56 2.73
CA SER A 163 -0.45 5.18 3.19
C SER A 163 0.81 4.43 2.81
N VAL A 164 1.24 3.54 3.69
CA VAL A 164 2.33 2.63 3.39
C VAL A 164 1.80 1.23 3.58
N GLN A 165 1.94 0.41 2.56
CA GLN A 165 1.47 -0.96 2.63
C GLN A 165 2.65 -1.91 2.55
N ILE A 166 2.66 -2.88 3.44
CA ILE A 166 3.73 -3.86 3.46
C ILE A 166 3.17 -5.26 3.33
N ASN A 167 3.57 -5.96 2.29
CA ASN A 167 3.17 -7.33 2.06
C ASN A 167 4.32 -8.27 2.35
N PHE A 168 4.12 -9.16 3.31
CA PHE A 168 5.12 -10.18 3.64
C PHE A 168 4.89 -11.44 2.82
N PHE A 169 5.93 -11.84 2.09
CA PHE A 169 5.85 -12.99 1.19
C PHE A 169 5.53 -14.27 1.93
N GLN A 170 6.36 -14.60 2.92
CA GLN A 170 6.28 -15.87 3.63
C GLN A 170 4.84 -16.28 3.93
N ASP A 171 4.15 -15.50 4.78
CA ASP A 171 2.84 -15.91 5.30
C ASP A 171 1.67 -15.15 4.69
N HIS A 172 1.93 -14.32 3.68
CA HIS A 172 0.89 -13.55 3.02
C HIS A 172 0.20 -12.57 3.97
N THR A 173 0.88 -12.21 5.07
CA THR A 173 0.37 -11.21 5.99
C THR A 173 0.64 -9.82 5.41
N LYS A 174 -0.21 -8.87 5.75
CA LYS A 174 -0.04 -7.52 5.22
C LYS A 174 -0.33 -6.43 6.24
N LEU A 175 0.37 -5.32 6.08
CA LEU A 175 0.14 -4.12 6.88
C LEU A 175 -0.24 -2.97 5.98
N ILE A 176 -1.23 -2.20 6.40
CA ILE A 176 -1.55 -0.96 5.75
C ILE A 176 -1.51 0.12 6.82
N LEU A 177 -0.54 1.03 6.72
CA LEU A 177 -0.38 2.09 7.70
C LEU A 177 -1.06 3.34 7.19
N CYS A 178 -1.78 4.03 8.05
CA CYS A 178 -2.34 5.32 7.69
C CYS A 178 -1.99 6.33 8.77
N PRO A 179 -1.07 7.26 8.46
CA PRO A 179 -0.56 8.26 9.41
C PRO A 179 -1.59 9.33 9.74
N LEU A 180 -2.54 9.57 8.85
CA LEU A 180 -3.57 10.59 9.06
C LEU A 180 -4.46 10.26 10.26
N MET A 181 -4.74 8.98 10.45
CA MET A 181 -5.54 8.52 11.58
C MET A 181 -4.67 7.78 12.59
N ALA A 182 -3.36 7.79 12.36
CA ALA A 182 -2.42 7.11 13.25
C ALA A 182 -2.89 5.68 13.48
N ALA A 183 -3.17 4.97 12.39
CA ALA A 183 -3.77 3.63 12.49
C ALA A 183 -3.01 2.63 11.64
N VAL A 184 -3.17 1.35 11.97
CA VAL A 184 -2.60 0.27 11.18
C VAL A 184 -3.67 -0.79 10.94
N THR A 185 -3.77 -1.25 9.71
CA THR A 185 -4.64 -2.38 9.41
C THR A 185 -3.78 -3.62 9.19
N TYR A 186 -4.16 -4.71 9.85
CA TYR A 186 -3.38 -5.93 9.80
C TYR A 186 -4.20 -7.06 9.18
N ILE A 187 -3.67 -7.66 8.13
CA ILE A 187 -4.29 -8.81 7.51
C ILE A 187 -3.43 -10.03 7.81
N ASP A 188 -4.02 -11.02 8.48
CA ASP A 188 -3.28 -12.22 8.88
C ASP A 188 -3.36 -13.34 7.84
N GLU A 189 -2.68 -14.45 8.12
CA GLU A 189 -2.62 -15.60 7.21
C GLU A 189 -4.00 -16.18 6.91
N LYS A 190 -4.94 -16.03 7.84
CA LYS A 190 -6.30 -16.53 7.64
C LYS A 190 -7.12 -15.58 6.78
N ARG A 191 -6.46 -14.54 6.29
CA ARG A 191 -7.11 -13.54 5.47
C ARG A 191 -8.01 -12.67 6.35
N ASP A 192 -7.85 -12.81 7.66
CA ASP A 192 -8.65 -12.03 8.59
C ASP A 192 -8.09 -10.61 8.73
N PHE A 193 -9.00 -9.66 8.84
CA PHE A 193 -8.69 -8.25 8.74
C PHE A 193 -9.06 -7.54 10.05
N ARG A 194 -8.15 -6.74 10.59
CA ARG A 194 -8.42 -5.96 11.80
C ARG A 194 -7.71 -4.61 11.72
N THR A 195 -8.41 -3.53 12.09
CA THR A 195 -7.83 -2.19 12.07
C THR A 195 -7.64 -1.65 13.48
N TYR A 196 -6.45 -1.16 13.78
CA TYR A 196 -6.13 -0.70 15.12
C TYR A 196 -5.63 0.72 15.14
N ARG A 197 -5.93 1.41 16.24
CA ARG A 197 -5.37 2.72 16.52
C ARG A 197 -4.03 2.49 17.23
N LEU A 198 -2.97 3.10 16.72
CA LEU A 198 -1.62 2.83 17.22
C LEU A 198 -1.46 3.23 18.69
N SER A 199 -2.06 4.35 19.06
CA SER A 199 -1.95 4.85 20.43
C SER A 199 -2.55 3.85 21.40
N LEU A 200 -3.54 3.10 20.95
CA LEU A 200 -4.23 2.14 21.82
C LEU A 200 -3.47 0.83 21.93
N LEU A 201 -2.78 0.44 20.87
CA LEU A 201 -1.89 -0.72 20.94
C LEU A 201 -0.85 -0.46 22.00
N GLU A 202 -0.37 0.78 22.05
CA GLU A 202 0.57 1.20 23.07
C GLU A 202 -0.01 0.93 24.46
N GLU A 203 -1.30 1.25 24.64
CA GLU A 203 -1.97 1.07 25.92
C GLU A 203 -2.31 -0.40 26.21
N TYR A 204 -3.08 -1.02 25.34
CA TYR A 204 -3.63 -2.34 25.59
C TYR A 204 -2.69 -3.47 25.14
N GLY A 205 -1.65 -3.12 24.39
CA GLY A 205 -0.65 -4.09 23.97
C GLY A 205 -1.08 -4.93 22.77
N CYS A 206 -0.22 -5.87 22.36
CA CYS A 206 -0.51 -6.72 21.21
C CYS A 206 0.34 -7.99 21.23
N CYS A 207 0.04 -8.91 20.33
CA CYS A 207 0.79 -10.16 20.22
C CYS A 207 2.19 -9.93 19.66
N LYS A 208 3.10 -10.84 19.96
CA LYS A 208 4.46 -10.79 19.45
C LYS A 208 4.51 -10.62 17.92
N GLU A 209 3.58 -11.26 17.21
CA GLU A 209 3.60 -11.22 15.74
C GLU A 209 3.40 -9.80 15.23
N LEU A 210 2.34 -9.15 15.69
CA LEU A 210 2.04 -7.80 15.21
C LEU A 210 3.15 -6.86 15.61
N ALA A 211 3.72 -7.08 16.80
CA ALA A 211 4.76 -6.21 17.32
C ALA A 211 5.99 -6.29 16.43
N SER A 212 6.36 -7.51 16.04
CA SER A 212 7.56 -7.71 15.24
C SER A 212 7.42 -7.02 13.89
N ARG A 213 6.22 -7.04 13.32
CA ARG A 213 6.01 -6.47 12.00
C ARG A 213 5.95 -4.95 12.04
N LEU A 214 5.49 -4.39 13.15
CA LEU A 214 5.54 -2.94 13.36
C LEU A 214 6.98 -2.46 13.51
N ARG A 215 7.84 -3.31 14.09
CA ARG A 215 9.26 -3.00 14.18
C ARG A 215 9.88 -3.01 12.79
N TYR A 216 9.52 -4.01 12.01
CA TYR A 216 9.99 -4.12 10.63
C TYR A 216 9.51 -2.91 9.83
N ALA A 217 8.26 -2.51 10.05
CA ALA A 217 7.70 -1.36 9.35
C ALA A 217 8.49 -0.08 9.64
N ARG A 218 8.82 0.15 10.92
CA ARG A 218 9.59 1.32 11.32
C ARG A 218 10.85 1.39 10.45
N THR A 219 11.53 0.25 10.31
CA THR A 219 12.76 0.20 9.54
C THR A 219 12.50 0.46 8.05
N MET A 220 11.43 -0.11 7.51
CA MET A 220 11.10 0.08 6.09
C MET A 220 10.76 1.54 5.80
N VAL A 221 10.11 2.20 6.75
CA VAL A 221 9.80 3.61 6.61
C VAL A 221 11.08 4.46 6.60
N ASP A 222 12.03 4.10 7.46
CA ASP A 222 13.30 4.83 7.48
C ASP A 222 13.98 4.71 6.12
N LYS A 223 13.93 3.52 5.53
CA LYS A 223 14.47 3.31 4.19
C LYS A 223 13.82 4.23 3.16
N LEU A 224 12.50 4.32 3.20
CA LEU A 224 11.78 5.22 2.30
C LEU A 224 12.22 6.67 2.50
N LEU A 225 12.43 7.04 3.75
CA LEU A 225 12.88 8.38 4.09
C LEU A 225 14.32 8.62 3.65
N SER A 226 15.11 7.54 3.63
CA SER A 226 16.49 7.62 3.16
C SER A 226 16.55 7.62 1.63
N SER A 227 15.47 8.08 0.99
CA SER A 227 15.36 8.09 -0.46
C SER A 227 14.15 8.89 -0.91
C4 8Z5 B . 3.82 -6.21 -18.65
C5 8Z5 B . 3.56 -7.55 -18.86
C6 8Z5 B . 3.71 -8.11 -20.11
C3 8Z5 B . 4.23 -5.42 -19.70
I 8Z5 B . 2.92 -8.72 -17.22
C2 8Z5 B . 4.38 -5.97 -20.96
C1 8Z5 B . 4.12 -7.31 -21.17
C 8Z5 B . 4.30 -7.88 -22.54
BR 8Z5 B . 5.92 -7.42 -23.49
H1 8Z5 B . 3.70 -5.82 -17.77
H2 8Z5 B . 3.52 -9.06 -20.25
H3 8Z5 B . 4.41 -4.48 -19.56
H4 8Z5 B . 4.68 -5.42 -21.70
H5 8Z5 B . 4.25 -8.85 -22.47
H6 8Z5 B . 3.56 -7.59 -23.08
#